data_8OGP
#
_entry.id   8OGP
#
_cell.length_a   118.790
_cell.length_b   39.080
_cell.length_c   68.100
_cell.angle_alpha   90.000
_cell.angle_beta   95.220
_cell.angle_gamma   90.000
#
_symmetry.space_group_name_H-M   'C 1 2 1'
#
loop_
_entity.id
_entity.type
_entity.pdbx_description
1 polymer 'Cyclic di-AMP synthase CdaA'
2 non-polymer 2-[(1~{S})-1-azanylpropyl]phenol
3 non-polymer 'MAGNESIUM ION'
4 water water
#
_entity_poly.entity_id   1
_entity_poly.type   'polypeptide(L)'
_entity_poly.pdbx_seq_one_letter_code
;GPTPVEEAQQKTIEAITKAINYMAKRRIGALLTIERDTGMGDYIETGIPLNAKVSSELLINIFIPNTPLHDGAVIMKNNE
IAAAACYLPLSESPFISKELGTRHRAAVGISEVTDSLTIIVSEETGGVSVAKNGDLHRELTEEALKEMLEAEFK
;
_entity_poly.pdbx_strand_id   A,B
#
loop_
_chem_comp.id
_chem_comp.type
_chem_comp.name
_chem_comp.formula
MG non-polymer 'MAGNESIUM ION' 'Mg 2'
SYG non-polymer 2-[(1~{S})-1-azanylpropyl]phenol 'C9 H13 N O'
#
# COMPACT_ATOMS: atom_id res chain seq x y z
N PRO A 2 -24.66 5.64 -16.31
CA PRO A 2 -24.30 6.52 -15.19
C PRO A 2 -23.15 7.45 -15.56
N THR A 3 -22.96 8.52 -14.79
CA THR A 3 -21.92 9.48 -15.11
C THR A 3 -20.56 8.95 -14.66
N PRO A 4 -19.48 9.51 -15.20
CA PRO A 4 -18.14 9.12 -14.71
C PRO A 4 -18.01 9.20 -13.21
N VAL A 5 -18.49 10.29 -12.60
CA VAL A 5 -18.37 10.46 -11.16
C VAL A 5 -19.14 9.38 -10.42
N GLU A 6 -20.34 9.04 -10.90
CA GLU A 6 -21.15 8.01 -10.25
C GLU A 6 -20.46 6.65 -10.36
N GLU A 7 -19.97 6.31 -11.55
CA GLU A 7 -19.27 5.03 -11.72
C GLU A 7 -18.05 4.98 -10.82
N ALA A 8 -17.36 6.12 -10.66
CA ALA A 8 -16.18 6.15 -9.81
C ALA A 8 -16.54 5.93 -8.35
N GLN A 9 -17.64 6.53 -7.90
CA GLN A 9 -18.07 6.34 -6.52
C GLN A 9 -18.47 4.89 -6.27
N GLN A 10 -19.18 4.28 -7.21
CA GLN A 10 -19.57 2.88 -7.02
C GLN A 10 -18.36 1.96 -6.99
N LYS A 11 -17.37 2.22 -7.85
CA LYS A 11 -16.16 1.40 -7.84
C LYS A 11 -15.45 1.50 -6.49
N THR A 12 -15.41 2.70 -5.92
CA THR A 12 -14.75 2.88 -4.62
C THR A 12 -15.53 2.19 -3.51
N ILE A 13 -16.87 2.25 -3.54
CA ILE A 13 -17.65 1.53 -2.54
C ILE A 13 -17.40 0.04 -2.63
N GLU A 14 -17.35 -0.50 -3.85
CA GLU A 14 -17.10 -1.93 -4.02
C GLU A 14 -15.72 -2.32 -3.53
N ALA A 15 -14.71 -1.48 -3.79
CA ALA A 15 -13.36 -1.77 -3.31
C ALA A 15 -13.33 -1.79 -1.79
N ILE A 16 -13.99 -0.82 -1.15
CA ILE A 16 -14.04 -0.79 0.31
C ILE A 16 -14.75 -2.03 0.86
N THR A 17 -15.93 -2.34 0.32
CA THR A 17 -16.68 -3.46 0.90
C THR A 17 -15.94 -4.78 0.73
N LYS A 18 -15.26 -4.96 -0.41
CA LYS A 18 -14.47 -6.19 -0.61
C LYS A 18 -13.35 -6.27 0.40
N ALA A 19 -12.64 -5.16 0.64
CA ALA A 19 -11.55 -5.18 1.62
C ALA A 19 -12.07 -5.43 3.02
N ILE A 20 -13.18 -4.79 3.40
CA ILE A 20 -13.75 -5.00 4.73
C ILE A 20 -14.18 -6.45 4.92
N ASN A 21 -14.80 -7.05 3.88
CA ASN A 21 -15.21 -8.45 3.98
C ASN A 21 -14.00 -9.36 4.24
N TYR A 22 -12.90 -9.15 3.50
CA TYR A 22 -11.70 -9.94 3.67
C TYR A 22 -11.18 -9.82 5.09
N MET A 23 -11.12 -8.60 5.61
CA MET A 23 -10.54 -8.39 6.92
C MET A 23 -11.46 -8.91 8.02
N ALA A 24 -12.78 -8.74 7.85
CA ALA A 24 -13.73 -9.24 8.83
C ALA A 24 -13.61 -10.76 8.97
N LYS A 25 -13.53 -11.46 7.84
CA LYS A 25 -13.42 -12.91 7.86
C LYS A 25 -12.18 -13.38 8.63
N ARG A 26 -11.08 -12.65 8.52
CA ARG A 26 -9.81 -13.01 9.14
C ARG A 26 -9.59 -12.31 10.47
N ARG A 27 -10.54 -11.50 10.93
CA ARG A 27 -10.43 -10.75 12.18
C ARG A 27 -9.16 -9.92 12.20
N ILE A 28 -8.94 -9.22 11.09
CA ILE A 28 -7.88 -8.24 10.95
C ILE A 28 -8.42 -6.88 11.35
N GLY A 29 -7.85 -6.29 12.40
CA GLY A 29 -8.30 -4.98 12.84
C GLY A 29 -8.05 -3.94 11.76
N ALA A 30 -9.03 -3.05 11.57
CA ALA A 30 -8.89 -2.00 10.58
C ALA A 30 -9.68 -0.76 10.99
N LEU A 31 -9.23 0.37 10.47
CA LEU A 31 -9.77 1.69 10.84
C LEU A 31 -9.65 2.57 9.61
N LEU A 32 -10.78 2.88 8.98
CA LEU A 32 -10.81 3.56 7.69
C LEU A 32 -11.79 4.73 7.77
N THR A 33 -11.29 5.94 7.67
CA THR A 33 -12.09 7.16 7.78
C THR A 33 -12.21 7.80 6.42
N ILE A 34 -13.43 8.17 6.04
CA ILE A 34 -13.71 8.82 4.76
C ILE A 34 -14.02 10.28 5.05
N GLU A 35 -13.15 11.18 4.61
CA GLU A 35 -13.37 12.62 4.79
C GLU A 35 -14.59 13.05 3.99
N ARG A 36 -15.42 13.90 4.60
CA ARG A 36 -16.60 14.46 3.94
C ARG A 36 -16.40 15.97 3.84
N ASP A 37 -17.34 16.79 4.38
CA ASP A 37 -17.25 18.24 4.22
C ASP A 37 -16.27 18.86 5.20
N THR A 38 -16.09 18.27 6.38
CA THR A 38 -15.13 18.80 7.33
C THR A 38 -13.73 18.36 6.93
N GLY A 39 -12.85 19.32 6.70
CA GLY A 39 -11.50 18.99 6.29
C GLY A 39 -10.74 18.30 7.41
N MET A 40 -9.95 17.29 7.04
CA MET A 40 -9.19 16.51 7.99
C MET A 40 -7.70 16.54 7.69
N GLY A 41 -7.24 17.62 7.08
CA GLY A 41 -5.84 17.73 6.75
C GLY A 41 -4.93 17.57 7.95
N ASP A 42 -5.34 18.10 9.11
CA ASP A 42 -4.49 18.00 10.30
C ASP A 42 -4.27 16.56 10.72
N TYR A 43 -5.27 15.69 10.53
CA TYR A 43 -5.09 14.27 10.84
C TYR A 43 -4.37 13.53 9.73
N ILE A 44 -4.66 13.87 8.47
CA ILE A 44 -3.93 13.28 7.35
C ILE A 44 -2.42 13.50 7.50
N GLU A 45 -2.02 14.67 7.98
CA GLU A 45 -0.61 15.00 8.08
C GLU A 45 0.12 14.18 9.14
N THR A 46 -0.61 13.54 10.06
CA THR A 46 0.04 12.72 11.07
C THR A 46 0.46 11.34 10.56
N GLY A 47 -0.04 10.91 9.40
CA GLY A 47 0.25 9.59 8.87
C GLY A 47 1.33 9.58 7.81
N ILE A 48 1.44 8.43 7.15
CA ILE A 48 2.36 8.25 6.04
C ILE A 48 1.63 8.65 4.76
N PRO A 49 2.12 9.62 3.99
CA PRO A 49 1.43 10.01 2.76
C PRO A 49 1.42 8.90 1.72
N LEU A 50 0.24 8.69 1.12
CA LEU A 50 0.08 7.76 0.01
C LEU A 50 -0.47 8.44 -1.23
N ASN A 51 -1.54 9.20 -1.11
CA ASN A 51 -2.27 9.75 -2.25
C ASN A 51 -2.42 8.73 -3.37
N ALA A 52 -2.93 7.56 -3.00
CA ALA A 52 -2.97 6.39 -3.85
C ALA A 52 -4.39 6.14 -4.37
N LYS A 53 -4.47 5.53 -5.54
CA LYS A 53 -5.75 5.03 -6.03
C LYS A 53 -6.29 3.99 -5.07
N VAL A 54 -7.61 4.01 -4.88
CA VAL A 54 -8.24 2.99 -4.04
C VAL A 54 -8.27 1.66 -4.79
N SER A 55 -7.96 0.59 -4.08
CA SER A 55 -8.22 -0.76 -4.55
C SER A 55 -8.46 -1.61 -3.31
N SER A 56 -9.25 -2.67 -3.47
CA SER A 56 -9.40 -3.59 -2.34
C SER A 56 -8.05 -4.19 -1.95
N GLU A 57 -7.20 -4.46 -2.95
CA GLU A 57 -5.89 -5.05 -2.69
C GLU A 57 -5.03 -4.14 -1.83
N LEU A 58 -4.95 -2.86 -2.16
CA LEU A 58 -4.11 -1.96 -1.37
C LEU A 58 -4.67 -1.80 0.04
N LEU A 59 -6.00 -1.71 0.18
CA LEU A 59 -6.59 -1.58 1.52
C LEU A 59 -6.20 -2.79 2.36
N ILE A 60 -6.33 -3.99 1.81
CA ILE A 60 -5.96 -5.21 2.55
C ILE A 60 -4.50 -5.18 2.93
N ASN A 61 -3.61 -4.87 1.96
CA ASN A 61 -2.18 -4.88 2.26
C ASN A 61 -1.82 -3.89 3.35
N ILE A 62 -2.52 -2.75 3.41
CA ILE A 62 -2.21 -1.75 4.44
C ILE A 62 -2.43 -2.32 5.83
N PHE A 63 -3.53 -3.05 6.05
CA PHE A 63 -3.92 -3.45 7.40
C PHE A 63 -3.37 -4.81 7.84
N ILE A 64 -2.53 -5.46 7.06
CA ILE A 64 -2.01 -6.75 7.52
C ILE A 64 -1.31 -6.58 8.87
N PRO A 65 -1.59 -7.42 9.86
CA PRO A 65 -0.98 -7.19 11.17
C PRO A 65 0.55 -7.28 11.13
N ASN A 66 1.18 -6.56 12.04
CA ASN A 66 2.63 -6.59 12.24
C ASN A 66 3.38 -5.98 11.06
N THR A 67 2.78 -5.01 10.38
CA THR A 67 3.39 -4.35 9.26
C THR A 67 3.51 -2.86 9.55
N PRO A 68 4.35 -2.14 8.81
CA PRO A 68 4.52 -0.71 9.12
C PRO A 68 3.23 0.11 9.07
N LEU A 69 2.29 -0.21 8.18
CA LEU A 69 1.15 0.68 7.93
C LEU A 69 -0.10 0.32 8.71
N HIS A 70 -0.11 -0.79 9.45
CA HIS A 70 -1.38 -1.29 9.96
C HIS A 70 -1.88 -0.57 11.21
N ASP A 71 -1.02 0.15 11.93
CA ASP A 71 -1.42 0.78 13.17
C ASP A 71 -1.84 2.21 12.87
N GLY A 72 -3.06 2.56 13.20
CA GLY A 72 -3.61 3.85 12.90
C GLY A 72 -4.65 3.78 11.79
N ALA A 73 -5.13 4.94 11.41
CA ALA A 73 -6.23 5.05 10.48
C ALA A 73 -5.76 5.31 9.07
N VAL A 74 -6.42 4.67 8.12
CA VAL A 74 -6.40 5.12 6.73
C VAL A 74 -7.41 6.24 6.61
N ILE A 75 -7.03 7.34 5.96
CA ILE A 75 -7.95 8.44 5.68
C ILE A 75 -8.08 8.55 4.17
N MET A 76 -9.31 8.48 3.69
CA MET A 76 -9.63 8.67 2.29
C MET A 76 -10.18 10.06 2.06
N LYS A 77 -9.79 10.65 0.95
CA LYS A 77 -10.21 12.00 0.56
C LYS A 77 -10.19 12.07 -0.96
N ASN A 78 -11.24 12.67 -1.53
CA ASN A 78 -11.33 12.86 -2.97
C ASN A 78 -11.08 11.57 -3.75
N ASN A 79 -11.65 10.47 -3.27
CA ASN A 79 -11.61 9.18 -3.97
C ASN A 79 -10.20 8.59 -4.06
N GLU A 80 -9.35 8.95 -3.10
CA GLU A 80 -8.01 8.39 -3.01
C GLU A 80 -7.73 8.07 -1.56
N ILE A 81 -6.76 7.20 -1.34
CA ILE A 81 -6.22 6.94 0.00
C ILE A 81 -5.20 8.03 0.27
N ALA A 82 -5.53 9.02 1.09
CA ALA A 82 -4.62 10.13 1.32
C ALA A 82 -3.41 9.70 2.13
N ALA A 83 -3.63 8.97 3.22
CA ALA A 83 -2.54 8.58 4.10
C ALA A 83 -2.97 7.37 4.92
N ALA A 84 -1.98 6.67 5.46
CA ALA A 84 -2.19 5.53 6.34
C ALA A 84 -1.47 5.76 7.66
N ALA A 85 -1.81 4.97 8.66
CA ALA A 85 -1.19 5.07 9.97
C ALA A 85 -1.39 6.44 10.60
N CYS A 86 -2.58 7.01 10.41
CA CYS A 86 -2.88 8.33 10.92
C CYS A 86 -3.42 8.29 12.34
N TYR A 87 -3.15 9.35 13.08
CA TYR A 87 -3.73 9.57 14.39
C TYR A 87 -5.17 10.06 14.24
N LEU A 88 -6.04 9.55 15.10
CA LEU A 88 -7.39 10.07 15.31
C LEU A 88 -7.58 10.25 16.81
N PRO A 89 -8.39 11.22 17.22
CA PRO A 89 -8.55 11.49 18.66
C PRO A 89 -9.44 10.44 19.30
N LEU A 90 -9.07 10.02 20.50
CA LEU A 90 -9.86 9.02 21.22
C LEU A 90 -11.06 9.67 21.89
N SER A 91 -12.24 9.12 21.64
CA SER A 91 -13.46 9.57 22.31
C SER A 91 -13.38 9.30 23.80
N GLU A 92 -13.92 10.24 24.59
CA GLU A 92 -14.15 10.03 26.01
C GLU A 92 -15.61 9.70 26.30
N SER A 93 -16.40 9.39 25.28
CA SER A 93 -17.81 9.10 25.48
C SER A 93 -17.98 7.92 26.42
N PRO A 94 -18.81 8.04 27.47
CA PRO A 94 -19.06 6.89 28.35
C PRO A 94 -20.06 5.90 27.78
N PHE A 95 -20.53 6.11 26.55
CA PHE A 95 -21.64 5.35 25.98
C PHE A 95 -21.21 4.40 24.88
N ILE A 96 -19.94 4.16 24.76
CA ILE A 96 -19.38 3.15 23.87
C ILE A 96 -19.35 1.83 24.63
N SER A 97 -19.70 0.75 23.96
CA SER A 97 -19.64 -0.56 24.59
C SER A 97 -18.29 -0.79 25.26
N LYS A 98 -18.33 -1.31 26.49
CA LYS A 98 -17.14 -1.34 27.32
C LYS A 98 -16.13 -2.37 26.86
N GLU A 99 -16.57 -3.36 26.07
CA GLU A 99 -15.68 -4.38 25.57
C GLU A 99 -14.83 -3.91 24.40
N LEU A 100 -15.05 -2.70 23.90
CA LEU A 100 -14.35 -2.20 22.73
C LEU A 100 -13.11 -1.40 23.14
N GLY A 101 -12.12 -1.40 22.26
CA GLY A 101 -10.85 -0.76 22.54
C GLY A 101 -10.53 0.45 21.69
N THR A 102 -9.24 0.61 21.41
CA THR A 102 -8.72 1.89 20.92
C THR A 102 -9.23 2.22 19.53
N ARG A 103 -9.31 1.24 18.62
CA ARG A 103 -9.72 1.55 17.26
C ARG A 103 -11.12 2.13 17.27
N HIS A 104 -12.02 1.54 18.05
CA HIS A 104 -13.40 2.00 18.08
C HIS A 104 -13.50 3.36 18.75
N ARG A 105 -12.72 3.60 19.81
CA ARG A 105 -12.75 4.90 20.47
C ARG A 105 -12.18 5.99 19.57
N ALA A 106 -11.16 5.65 18.77
CA ALA A 106 -10.59 6.59 17.81
C ALA A 106 -11.61 6.93 16.73
N ALA A 107 -12.34 5.92 16.25
CA ALA A 107 -13.37 6.17 15.23
C ALA A 107 -14.46 7.08 15.77
N VAL A 108 -14.98 6.75 16.96
CA VAL A 108 -16.00 7.61 17.55
C VAL A 108 -15.45 9.01 17.77
N GLY A 109 -14.20 9.11 18.24
CA GLY A 109 -13.57 10.40 18.48
C GLY A 109 -13.53 11.30 17.27
N ILE A 110 -13.05 10.79 16.13
CA ILE A 110 -13.05 11.64 14.94
C ILE A 110 -14.48 11.98 14.50
N SER A 111 -15.43 11.06 14.70
CA SER A 111 -16.81 11.30 14.33
C SER A 111 -17.48 12.37 15.18
N GLU A 112 -16.92 12.70 16.34
CA GLU A 112 -17.49 13.72 17.21
C GLU A 112 -17.16 15.13 16.75
N VAL A 113 -16.09 15.30 15.96
CA VAL A 113 -15.59 16.60 15.58
C VAL A 113 -15.52 16.78 14.07
N THR A 114 -16.04 15.83 13.31
CA THR A 114 -16.12 15.94 11.86
C THR A 114 -17.40 15.26 11.40
N ASP A 115 -17.76 15.49 10.14
CA ASP A 115 -18.87 14.79 9.51
C ASP A 115 -18.40 13.54 8.76
N SER A 116 -17.22 13.02 9.10
CA SER A 116 -16.66 11.88 8.38
C SER A 116 -17.41 10.60 8.75
N LEU A 117 -17.18 9.57 7.93
CA LEU A 117 -17.71 8.24 8.19
C LEU A 117 -16.50 7.34 8.39
N THR A 118 -16.46 6.60 9.49
CA THR A 118 -15.34 5.72 9.79
C THR A 118 -15.85 4.30 9.89
N ILE A 119 -15.16 3.37 9.25
CA ILE A 119 -15.42 1.93 9.30
C ILE A 119 -14.37 1.30 10.20
N ILE A 120 -14.82 0.41 11.09
CA ILE A 120 -13.94 -0.31 11.99
C ILE A 120 -14.19 -1.80 11.79
N VAL A 121 -13.10 -2.58 11.72
CA VAL A 121 -13.18 -4.03 11.85
C VAL A 121 -12.50 -4.41 13.16
N SER A 122 -13.20 -5.20 13.99
CA SER A 122 -12.65 -5.61 15.26
C SER A 122 -11.64 -6.74 15.08
N GLU A 123 -10.49 -6.60 15.72
CA GLU A 123 -9.53 -7.70 15.73
C GLU A 123 -9.95 -8.83 16.63
N GLU A 124 -10.89 -8.59 17.55
CA GLU A 124 -11.35 -9.64 18.46
C GLU A 124 -12.40 -10.52 17.82
N THR A 125 -13.33 -9.93 17.07
CA THR A 125 -14.49 -10.65 16.58
C THR A 125 -14.65 -10.63 15.07
N GLY A 126 -13.93 -9.77 14.36
CA GLY A 126 -14.23 -9.52 12.96
C GLY A 126 -15.51 -8.74 12.75
N GLY A 127 -16.16 -8.26 13.81
CA GLY A 127 -17.35 -7.46 13.64
C GLY A 127 -17.04 -6.14 12.97
N VAL A 128 -17.98 -5.68 12.17
CA VAL A 128 -17.86 -4.45 11.39
C VAL A 128 -18.78 -3.39 11.97
N SER A 129 -18.23 -2.20 12.19
CA SER A 129 -19.02 -1.10 12.75
C SER A 129 -18.67 0.19 12.01
N VAL A 130 -19.54 1.19 12.17
CA VAL A 130 -19.36 2.50 11.55
C VAL A 130 -19.58 3.57 12.60
N ALA A 131 -18.70 4.56 12.64
CA ALA A 131 -18.83 5.71 13.50
C ALA A 131 -19.21 6.94 12.68
N LYS A 132 -20.23 7.66 13.13
CA LYS A 132 -20.68 8.89 12.50
C LYS A 132 -21.41 9.70 13.55
N ASN A 133 -21.13 11.00 13.58
CA ASN A 133 -21.87 11.94 14.43
C ASN A 133 -21.74 11.62 15.92
N GLY A 134 -20.70 10.91 16.34
CA GLY A 134 -20.53 10.57 17.74
C GLY A 134 -21.10 9.23 18.14
N ASP A 135 -21.76 8.53 17.24
CA ASP A 135 -22.35 7.24 17.54
C ASP A 135 -21.67 6.13 16.78
N LEU A 136 -21.65 4.96 17.40
CA LEU A 136 -21.08 3.75 16.82
C LEU A 136 -22.22 2.79 16.49
N HIS A 137 -22.29 2.36 15.25
CA HIS A 137 -23.27 1.41 14.77
C HIS A 137 -22.61 0.07 14.58
N ARG A 138 -22.96 -0.88 15.45
CA ARG A 138 -22.20 -2.11 15.61
C ARG A 138 -22.82 -3.27 14.86
N GLU A 139 -22.02 -4.31 14.67
CA GLU A 139 -22.44 -5.59 14.13
C GLU A 139 -23.26 -5.41 12.87
N LEU A 140 -22.62 -4.76 11.89
CA LEU A 140 -23.28 -4.48 10.63
C LEU A 140 -23.15 -5.64 9.67
N THR A 141 -24.19 -5.90 8.90
CA THR A 141 -24.17 -6.85 7.80
C THR A 141 -23.50 -6.16 6.62
N GLU A 142 -23.19 -6.92 5.56
CA GLU A 142 -22.60 -6.33 4.36
C GLU A 142 -23.57 -5.38 3.70
N GLU A 143 -24.84 -5.74 3.68
CA GLU A 143 -25.85 -4.89 3.08
C GLU A 143 -25.97 -3.57 3.86
N ALA A 144 -25.89 -3.65 5.19
CA ALA A 144 -25.99 -2.44 6.02
C ALA A 144 -24.81 -1.50 5.76
N LEU A 145 -23.59 -2.03 5.70
CA LEU A 145 -22.45 -1.18 5.40
C LEU A 145 -22.60 -0.52 4.03
N LYS A 146 -23.00 -1.30 3.02
CA LYS A 146 -23.19 -0.73 1.69
C LYS A 146 -24.21 0.41 1.73
N GLU A 147 -25.34 0.21 2.42
CA GLU A 147 -26.35 1.25 2.49
C GLU A 147 -25.80 2.53 3.12
N MET A 148 -24.99 2.38 4.17
CA MET A 148 -24.37 3.56 4.79
C MET A 148 -23.43 4.27 3.83
N LEU A 149 -22.59 3.51 3.12
CA LEU A 149 -21.69 4.12 2.16
C LEU A 149 -22.47 4.82 1.06
N GLU A 150 -23.55 4.20 0.57
CA GLU A 150 -24.34 4.83 -0.49
C GLU A 150 -25.07 6.06 0.03
N ALA A 151 -25.60 5.99 1.26
CA ALA A 151 -26.26 7.14 1.84
C ALA A 151 -25.29 8.29 2.05
N GLU A 152 -24.03 7.95 2.38
CA GLU A 152 -23.05 8.99 2.64
C GLU A 152 -22.65 9.72 1.38
N PHE A 153 -22.49 8.98 0.28
CA PHE A 153 -22.01 9.56 -0.97
C PHE A 153 -23.11 10.17 -1.81
N LYS A 154 -24.37 10.00 -1.43
CA LYS A 154 -25.49 10.65 -2.11
C LYS A 154 -25.51 12.12 -1.76
N PRO B 2 20.42 21.45 -2.47
CA PRO B 2 20.32 20.90 -3.81
C PRO B 2 19.00 21.37 -4.40
N THR B 3 18.65 20.98 -5.62
CA THR B 3 17.33 21.35 -6.10
C THR B 3 16.27 20.48 -5.45
N PRO B 4 15.00 20.90 -5.49
CA PRO B 4 13.93 20.01 -5.00
C PRO B 4 13.93 18.66 -5.69
N VAL B 5 14.21 18.63 -7.00
CA VAL B 5 14.25 17.36 -7.71
C VAL B 5 15.32 16.46 -7.12
N GLU B 6 16.50 17.01 -6.85
CA GLU B 6 17.58 16.20 -6.30
C GLU B 6 17.25 15.72 -4.89
N GLU B 7 16.63 16.58 -4.08
CA GLU B 7 16.23 16.14 -2.74
C GLU B 7 15.17 15.07 -2.80
N ALA B 8 14.21 15.19 -3.72
CA ALA B 8 13.19 14.16 -3.88
C ALA B 8 13.82 12.84 -4.30
N GLN B 9 14.79 12.88 -5.21
CA GLN B 9 15.49 11.66 -5.60
C GLN B 9 16.18 11.03 -4.39
N GLN B 10 16.80 11.85 -3.54
CA GLN B 10 17.51 11.31 -2.39
C GLN B 10 16.54 10.68 -1.39
N LYS B 11 15.38 11.30 -1.18
CA LYS B 11 14.38 10.69 -0.32
C LYS B 11 13.86 9.38 -0.90
N THR B 12 13.68 9.30 -2.21
CA THR B 12 13.17 8.08 -2.86
C THR B 12 14.21 6.98 -2.71
N ILE B 13 15.49 7.31 -2.89
CA ILE B 13 16.57 6.31 -2.75
C ILE B 13 16.60 5.85 -1.29
N GLU B 14 16.45 6.74 -0.31
CA GLU B 14 16.47 6.39 1.13
C GLU B 14 15.29 5.45 1.43
N ALA B 15 14.12 5.71 0.87
CA ALA B 15 12.94 4.87 1.07
C ALA B 15 13.15 3.49 0.49
N ILE B 16 13.72 3.41 -0.73
CA ILE B 16 13.93 2.11 -1.36
C ILE B 16 14.93 1.31 -0.55
N THR B 17 16.06 1.91 -0.21
CA THR B 17 17.10 1.15 0.49
C THR B 17 16.63 0.68 1.86
N LYS B 18 15.86 1.52 2.57
CA LYS B 18 15.34 1.10 3.86
C LYS B 18 14.41 -0.10 3.70
N ALA B 19 13.55 -0.09 2.67
CA ALA B 19 12.63 -1.19 2.46
C ALA B 19 13.38 -2.45 2.06
N ILE B 20 14.34 -2.34 1.14
CA ILE B 20 15.07 -3.51 0.70
C ILE B 20 15.85 -4.12 1.86
N ASN B 21 16.47 -3.29 2.70
CA ASN B 21 17.23 -3.81 3.84
C ASN B 21 16.31 -4.55 4.80
N TYR B 22 15.12 -4.01 5.06
CA TYR B 22 14.16 -4.66 5.94
C TYR B 22 13.73 -6.01 5.38
N MET B 23 13.43 -6.07 4.08
CA MET B 23 12.96 -7.31 3.48
C MET B 23 14.08 -8.33 3.38
N ALA B 24 15.29 -7.90 3.05
CA ALA B 24 16.43 -8.82 2.99
C ALA B 24 16.65 -9.52 4.32
N LYS B 25 16.61 -8.75 5.42
CA LYS B 25 16.83 -9.33 6.75
C LYS B 25 15.78 -10.39 7.08
N ARG B 26 14.55 -10.22 6.59
CA ARG B 26 13.45 -11.12 6.91
C ARG B 26 13.18 -12.14 5.81
N ARG B 27 14.01 -12.16 4.77
CA ARG B 27 13.83 -13.10 3.66
C ARG B 27 12.46 -12.91 3.01
N ILE B 28 12.02 -11.66 2.88
CA ILE B 28 10.79 -11.32 2.19
C ILE B 28 11.16 -11.12 0.72
N GLY B 29 10.63 -12.00 -0.13
CA GLY B 29 10.89 -11.85 -1.55
C GLY B 29 10.31 -10.56 -2.09
N ALA B 30 11.06 -9.92 -2.99
CA ALA B 30 10.63 -8.65 -3.55
C ALA B 30 11.19 -8.48 -4.94
N LEU B 31 10.44 -7.75 -5.76
CA LEU B 31 10.77 -7.51 -7.16
C LEU B 31 10.33 -6.08 -7.46
N LEU B 32 11.30 -5.18 -7.62
CA LEU B 32 11.06 -3.74 -7.70
C LEU B 32 11.78 -3.17 -8.91
N THR B 33 11.03 -2.75 -9.91
CA THR B 33 11.59 -2.21 -11.15
C THR B 33 11.40 -0.70 -11.18
N ILE B 34 12.48 0.02 -11.45
CA ILE B 34 12.48 1.48 -11.52
C ILE B 34 12.56 1.84 -12.99
N GLU B 35 11.49 2.44 -13.51
CA GLU B 35 11.47 2.90 -14.89
C GLU B 35 12.51 3.98 -15.07
N ARG B 36 13.20 3.94 -16.22
CA ARG B 36 14.15 4.98 -16.58
C ARG B 36 13.64 5.68 -17.84
N ASP B 37 14.40 5.68 -18.93
CA ASP B 37 13.98 6.40 -20.11
C ASP B 37 13.10 5.60 -21.04
N THR B 38 13.18 4.26 -21.00
CA THR B 38 12.26 3.44 -21.79
C THR B 38 10.96 3.29 -21.01
N GLY B 39 9.86 3.75 -21.60
CA GLY B 39 8.60 3.72 -20.89
C GLY B 39 8.10 2.30 -20.69
N MET B 40 7.53 2.05 -19.53
CA MET B 40 7.06 0.72 -19.15
C MET B 40 5.56 0.62 -19.00
N GLY B 41 4.84 1.49 -19.72
CA GLY B 41 3.39 1.54 -19.55
C GLY B 41 2.72 0.20 -19.77
N ASP B 42 3.18 -0.55 -20.77
CA ASP B 42 2.55 -1.83 -21.09
C ASP B 42 2.62 -2.78 -19.90
N TYR B 43 3.70 -2.71 -19.13
CA TYR B 43 3.85 -3.60 -17.98
C TYR B 43 3.13 -3.04 -16.75
N ILE B 44 3.17 -1.72 -16.57
CA ILE B 44 2.43 -1.07 -15.49
C ILE B 44 0.95 -1.42 -15.58
N GLU B 45 0.40 -1.44 -16.78
CA GLU B 45 -1.02 -1.67 -16.99
C GLU B 45 -1.45 -3.09 -16.70
N THR B 46 -0.51 -4.03 -16.52
CA THR B 46 -0.88 -5.39 -16.14
C THR B 46 -1.12 -5.55 -14.65
N GLY B 47 -0.73 -4.58 -13.83
CA GLY B 47 -0.80 -4.69 -12.39
C GLY B 47 -1.99 -3.95 -11.80
N ILE B 48 -1.96 -3.82 -10.49
CA ILE B 48 -2.98 -3.05 -9.76
C ILE B 48 -2.48 -1.61 -9.68
N PRO B 49 -3.23 -0.63 -10.19
CA PRO B 49 -2.75 0.76 -10.14
C PRO B 49 -2.72 1.29 -8.73
N LEU B 50 -1.60 1.95 -8.38
CA LEU B 50 -1.45 2.64 -7.10
C LEU B 50 -1.23 4.13 -7.28
N ASN B 51 -0.33 4.52 -8.18
CA ASN B 51 0.09 5.91 -8.35
C ASN B 51 0.32 6.59 -7.01
N ALA B 52 1.05 5.90 -6.14
CA ALA B 52 1.21 6.29 -4.76
C ALA B 52 2.55 6.96 -4.53
N LYS B 53 2.59 7.88 -3.57
CA LYS B 53 3.87 8.41 -3.11
C LYS B 53 4.73 7.30 -2.54
N VAL B 54 6.03 7.37 -2.78
CA VAL B 54 6.92 6.33 -2.26
C VAL B 54 7.08 6.51 -0.76
N SER B 55 7.13 5.38 -0.05
CA SER B 55 7.59 5.34 1.33
C SER B 55 8.19 3.96 1.55
N SER B 56 9.12 3.86 2.49
CA SER B 56 9.65 2.55 2.85
C SER B 56 8.52 1.67 3.41
N GLU B 57 7.61 2.29 4.15
CA GLU B 57 6.50 1.55 4.77
C GLU B 57 5.60 0.92 3.70
N LEU B 58 5.21 1.70 2.69
CA LEU B 58 4.35 1.14 1.64
C LEU B 58 5.07 0.03 0.88
N LEU B 59 6.35 0.23 0.52
CA LEU B 59 7.08 -0.82 -0.18
C LEU B 59 7.09 -2.12 0.61
N ILE B 60 7.37 -2.04 1.91
CA ILE B 60 7.38 -3.24 2.74
C ILE B 60 6.00 -3.88 2.78
N ASN B 61 4.95 -3.07 3.01
CA ASN B 61 3.59 -3.62 3.14
C ASN B 61 3.19 -4.34 1.86
N ILE B 62 3.64 -3.86 0.70
CA ILE B 62 3.26 -4.47 -0.56
C ILE B 62 3.74 -5.92 -0.64
N PHE B 63 4.97 -6.17 -0.21
CA PHE B 63 5.59 -7.47 -0.45
C PHE B 63 5.39 -8.47 0.67
N ILE B 64 4.60 -8.16 1.69
CA ILE B 64 4.42 -9.15 2.77
C ILE B 64 3.87 -10.44 2.20
N PRO B 65 4.43 -11.60 2.52
CA PRO B 65 3.96 -12.83 1.89
C PRO B 65 2.46 -13.09 2.11
N ASN B 66 1.85 -13.72 1.11
CA ASN B 66 0.46 -14.21 1.19
C ASN B 66 -0.57 -13.07 1.21
N THR B 67 -0.23 -11.93 0.65
CA THR B 67 -1.12 -10.79 0.55
C THR B 67 -1.47 -10.51 -0.90
N PRO B 68 -2.53 -9.74 -1.15
CA PRO B 68 -2.96 -9.53 -2.54
C PRO B 68 -1.89 -8.92 -3.44
N LEU B 69 -1.01 -8.07 -2.93
CA LEU B 69 -0.08 -7.34 -3.78
C LEU B 69 1.31 -7.94 -3.89
N HIS B 70 1.61 -9.05 -3.20
CA HIS B 70 3.01 -9.44 -3.06
C HIS B 70 3.57 -10.17 -4.26
N ASP B 71 2.75 -10.77 -5.12
CA ASP B 71 3.25 -11.56 -6.23
C ASP B 71 3.26 -10.71 -7.49
N GLY B 72 4.40 -10.68 -8.16
CA GLY B 72 4.62 -9.81 -9.29
C GLY B 72 5.47 -8.64 -8.90
N ALA B 73 5.68 -7.75 -9.88
CA ALA B 73 6.60 -6.65 -9.73
C ALA B 73 5.89 -5.36 -9.31
N VAL B 74 6.55 -4.62 -8.43
CA VAL B 74 6.27 -3.21 -8.25
C VAL B 74 7.04 -2.44 -9.31
N ILE B 75 6.37 -1.51 -9.99
CA ILE B 75 7.03 -0.63 -10.98
C ILE B 75 6.92 0.77 -10.45
N MET B 76 8.09 1.41 -10.28
CA MET B 76 8.13 2.78 -9.82
C MET B 76 8.38 3.71 -11.03
N LYS B 77 7.80 4.88 -11.07
CA LYS B 77 8.02 5.94 -12.04
C LYS B 77 8.42 7.15 -11.21
N ASN B 78 9.72 7.50 -11.31
CA ASN B 78 10.30 8.63 -10.60
C ASN B 78 10.02 8.46 -9.11
N ASN B 79 9.29 9.36 -8.48
CA ASN B 79 9.04 9.28 -7.04
C ASN B 79 7.65 8.72 -6.72
N GLU B 80 7.12 7.86 -7.59
CA GLU B 80 5.84 7.22 -7.33
C GLU B 80 5.93 5.72 -7.55
N ILE B 81 5.14 4.99 -6.76
CA ILE B 81 4.85 3.59 -7.01
C ILE B 81 3.68 3.54 -7.97
N ALA B 82 3.95 3.23 -9.24
CA ALA B 82 2.90 3.27 -10.25
C ALA B 82 1.90 2.13 -10.09
N ALA B 83 2.39 0.91 -9.91
CA ALA B 83 1.52 -0.25 -9.83
C ALA B 83 2.27 -1.36 -9.13
N ALA B 84 1.51 -2.31 -8.60
CA ALA B 84 2.05 -3.50 -7.95
C ALA B 84 1.46 -4.73 -8.62
N ALA B 85 2.08 -5.88 -8.35
CA ALA B 85 1.61 -7.15 -8.89
C ALA B 85 1.62 -7.14 -10.41
N CYS B 86 2.66 -6.53 -10.98
CA CYS B 86 2.80 -6.42 -12.43
C CYS B 86 3.50 -7.63 -13.04
N TYR B 87 3.11 -7.95 -14.26
CA TYR B 87 3.81 -8.92 -15.08
C TYR B 87 5.06 -8.30 -15.69
N LEU B 88 6.13 -9.09 -15.74
CA LEU B 88 7.35 -8.80 -16.47
C LEU B 88 7.70 -10.05 -17.26
N PRO B 89 8.36 -9.89 -18.41
CA PRO B 89 8.74 -11.04 -19.22
C PRO B 89 9.88 -11.81 -18.57
N LEU B 90 9.87 -13.13 -18.76
CA LEU B 90 10.89 -13.99 -18.19
C LEU B 90 12.07 -14.14 -19.14
N SER B 91 13.27 -13.85 -18.64
CA SER B 91 14.48 -14.02 -19.44
C SER B 91 14.77 -15.50 -19.63
N GLU B 92 15.33 -15.83 -20.81
CA GLU B 92 15.89 -17.15 -21.08
C GLU B 92 17.41 -17.15 -21.02
N SER B 93 18.00 -16.12 -20.43
CA SER B 93 19.47 -16.02 -20.42
C SER B 93 20.08 -17.21 -19.69
N PRO B 94 21.15 -17.79 -20.24
CA PRO B 94 21.84 -18.89 -19.53
C PRO B 94 22.71 -18.42 -18.39
N PHE B 95 22.85 -17.11 -18.18
CA PHE B 95 23.68 -16.55 -17.11
C PHE B 95 22.88 -16.23 -15.85
N ILE B 96 21.68 -16.77 -15.74
CA ILE B 96 20.91 -16.69 -14.50
C ILE B 96 21.18 -17.97 -13.73
N SER B 97 21.68 -17.83 -12.49
CA SER B 97 22.02 -19.01 -11.68
C SER B 97 20.83 -19.97 -11.65
N LYS B 98 21.12 -21.26 -11.84
CA LYS B 98 20.05 -22.23 -12.03
C LYS B 98 19.13 -22.33 -10.82
N GLU B 99 19.63 -22.03 -9.62
CA GLU B 99 18.79 -22.17 -8.43
C GLU B 99 17.78 -21.05 -8.29
N LEU B 100 17.89 -19.98 -9.07
CA LEU B 100 17.04 -18.81 -8.90
C LEU B 100 15.68 -19.03 -9.55
N GLY B 101 14.66 -18.43 -8.94
CA GLY B 101 13.30 -18.57 -9.37
C GLY B 101 12.78 -17.44 -10.24
N THR B 102 11.46 -17.33 -10.30
CA THR B 102 10.83 -16.48 -11.29
C THR B 102 11.12 -15.00 -11.08
N ARG B 103 11.25 -14.55 -9.83
CA ARG B 103 11.47 -13.11 -9.64
C ARG B 103 12.75 -12.67 -10.35
N HIS B 104 13.83 -13.45 -10.22
CA HIS B 104 15.09 -13.08 -10.87
C HIS B 104 15.00 -13.18 -12.37
N ARG B 105 14.30 -14.19 -12.88
CA ARG B 105 14.14 -14.33 -14.33
C ARG B 105 13.29 -13.20 -14.90
N ALA B 106 12.24 -12.77 -14.16
CA ALA B 106 11.43 -11.62 -14.57
C ALA B 106 12.26 -10.34 -14.57
N ALA B 107 13.12 -10.17 -13.55
CA ALA B 107 13.94 -8.97 -13.48
C ALA B 107 14.90 -8.90 -14.66
N VAL B 108 15.60 -10.01 -14.92
CA VAL B 108 16.50 -10.00 -16.07
C VAL B 108 15.71 -9.79 -17.36
N GLY B 109 14.53 -10.40 -17.45
CA GLY B 109 13.68 -10.25 -18.63
C GLY B 109 13.34 -8.81 -18.95
N ILE B 110 12.89 -8.05 -17.95
CA ILE B 110 12.56 -6.66 -18.25
C ILE B 110 13.82 -5.85 -18.54
N SER B 111 14.93 -6.22 -17.91
CA SER B 111 16.17 -5.51 -18.17
C SER B 111 16.71 -5.73 -19.58
N GLU B 112 16.22 -6.74 -20.30
CA GLU B 112 16.66 -7.00 -21.65
C GLU B 112 15.93 -6.15 -22.69
N VAL B 113 14.78 -5.56 -22.32
CA VAL B 113 13.97 -4.81 -23.26
C VAL B 113 13.72 -3.39 -22.79
N THR B 114 14.38 -2.96 -21.72
CA THR B 114 14.29 -1.60 -21.23
C THR B 114 15.63 -1.24 -20.59
N ASP B 115 15.80 0.04 -20.31
CA ASP B 115 16.92 0.55 -19.53
C ASP B 115 16.61 0.66 -18.05
N SER B 116 15.58 -0.05 -17.58
CA SER B 116 15.20 0.05 -16.18
C SER B 116 16.22 -0.63 -15.30
N LEU B 117 16.13 -0.33 -14.00
CA LEU B 117 16.92 -0.99 -12.97
C LEU B 117 15.95 -1.75 -12.10
N THR B 118 16.18 -3.05 -11.92
CA THR B 118 15.31 -3.89 -11.10
C THR B 118 16.09 -4.43 -9.92
N ILE B 119 15.53 -4.33 -8.74
CA ILE B 119 16.09 -4.90 -7.51
C ILE B 119 15.28 -6.13 -7.15
N ILE B 120 15.97 -7.19 -6.72
CA ILE B 120 15.34 -8.44 -6.31
C ILE B 120 15.85 -8.80 -4.93
N VAL B 121 14.94 -9.20 -4.03
CA VAL B 121 15.31 -9.83 -2.76
C VAL B 121 14.90 -11.29 -2.85
N SER B 122 15.86 -12.19 -2.58
CA SER B 122 15.56 -13.61 -2.59
C SER B 122 14.81 -14.04 -1.34
N GLU B 123 13.69 -14.74 -1.51
CA GLU B 123 13.00 -15.30 -0.33
C GLU B 123 13.73 -16.50 0.24
N GLU B 124 14.71 -17.05 -0.49
CA GLU B 124 15.45 -18.21 0.00
C GLU B 124 16.61 -17.79 0.88
N THR B 125 17.36 -16.78 0.46
CA THR B 125 18.60 -16.42 1.14
C THR B 125 18.58 -15.02 1.73
N GLY B 126 17.65 -14.17 1.33
CA GLY B 126 17.72 -12.76 1.66
C GLY B 126 18.71 -11.97 0.83
N GLY B 127 19.42 -12.61 -0.09
CA GLY B 127 20.37 -11.89 -0.91
C GLY B 127 19.68 -10.86 -1.78
N VAL B 128 20.40 -9.77 -2.05
CA VAL B 128 19.91 -8.66 -2.85
C VAL B 128 20.65 -8.65 -4.18
N SER B 129 19.90 -8.54 -5.27
CA SER B 129 20.51 -8.48 -6.59
C SER B 129 19.88 -7.36 -7.40
N VAL B 130 20.57 -6.97 -8.47
CA VAL B 130 20.08 -5.98 -9.42
C VAL B 130 20.21 -6.52 -10.84
N ALA B 131 19.18 -6.29 -11.65
CA ALA B 131 19.20 -6.58 -13.07
C ALA B 131 19.21 -5.28 -13.85
N LYS B 132 20.14 -5.16 -14.78
CA LYS B 132 20.25 -4.01 -15.65
C LYS B 132 20.91 -4.46 -16.94
N ASN B 133 20.32 -4.06 -18.07
CA ASN B 133 20.89 -4.31 -19.39
C ASN B 133 21.19 -5.78 -19.64
N GLY B 134 20.34 -6.65 -19.12
CA GLY B 134 20.44 -8.07 -19.34
C GLY B 134 21.38 -8.80 -18.40
N ASP B 135 22.02 -8.11 -17.46
CA ASP B 135 22.95 -8.72 -16.51
C ASP B 135 22.37 -8.71 -15.11
N LEU B 136 22.61 -9.79 -14.39
CA LEU B 136 22.21 -9.91 -12.99
C LEU B 136 23.45 -9.82 -12.12
N HIS B 137 23.44 -8.92 -11.15
CA HIS B 137 24.52 -8.70 -10.20
C HIS B 137 24.01 -9.10 -8.82
N ARG B 138 24.61 -10.14 -8.24
CA ARG B 138 24.07 -10.77 -7.04
C ARG B 138 24.83 -10.37 -5.78
N GLU B 139 24.21 -10.71 -4.64
CA GLU B 139 24.84 -10.64 -3.33
C GLU B 139 25.38 -9.23 -3.01
N LEU B 140 24.56 -8.23 -3.28
CA LEU B 140 24.98 -6.85 -3.07
C LEU B 140 24.97 -6.48 -1.61
N THR B 141 26.00 -5.74 -1.20
CA THR B 141 26.00 -5.11 0.10
C THR B 141 25.03 -3.93 0.08
N GLU B 142 24.69 -3.44 1.28
CA GLU B 142 23.85 -2.25 1.35
C GLU B 142 24.51 -1.09 0.65
N GLU B 143 25.82 -0.93 0.84
CA GLU B 143 26.54 0.18 0.24
C GLU B 143 26.52 0.08 -1.28
N ALA B 144 26.74 -1.12 -1.82
CA ALA B 144 26.73 -1.28 -3.27
C ALA B 144 25.37 -0.93 -3.86
N LEU B 145 24.29 -1.38 -3.21
CA LEU B 145 22.96 -1.07 -3.74
C LEU B 145 22.73 0.43 -3.76
N LYS B 146 23.04 1.11 -2.66
CA LYS B 146 22.83 2.55 -2.61
C LYS B 146 23.64 3.26 -3.68
N GLU B 147 24.87 2.83 -3.90
CA GLU B 147 25.71 3.44 -4.92
C GLU B 147 25.13 3.23 -6.31
N MET B 148 24.62 2.03 -6.58
CA MET B 148 23.98 1.78 -7.87
C MET B 148 22.78 2.70 -8.08
N LEU B 149 21.97 2.88 -7.03
CA LEU B 149 20.80 3.74 -7.16
C LEU B 149 21.21 5.19 -7.33
N GLU B 150 22.20 5.65 -6.57
CA GLU B 150 22.65 7.03 -6.73
C GLU B 150 23.20 7.27 -8.12
N ALA B 151 23.95 6.31 -8.66
CA ALA B 151 24.51 6.47 -10.00
C ALA B 151 23.40 6.46 -11.05
N GLU B 152 22.37 5.62 -10.83
CA GLU B 152 21.23 5.60 -11.73
C GLU B 152 20.42 6.89 -11.66
N PHE B 153 20.59 7.67 -10.59
CA PHE B 153 19.79 8.87 -10.35
C PHE B 153 18.31 8.52 -10.26
C4 SYG C . -18.36 -8.20 5.90
C5 SYG C . -18.31 -6.91 5.40
C6 SYG C . -19.16 -5.93 5.91
C7 SYG C . -20.05 -6.25 6.92
C8 SYG C . -20.09 -7.54 7.43
O SYG C . -20.99 -7.86 8.46
C3 SYG C . -19.25 -8.51 6.93
C2 SYG C . -19.29 -9.93 7.49
N SYG C . -20.45 -10.61 6.94
C1 SYG C . -18.03 -10.71 7.17
C SYG C . -18.01 -12.09 7.81
MG MG D . 29.78 -11.11 -5.91
#